data_4OTU
#
_entry.id   4OTU
#
_cell.length_a   60.627
_cell.length_b   60.465
_cell.length_c   145.718
_cell.angle_alpha   90.00
_cell.angle_beta   90.00
_cell.angle_gamma   90.00
#
_symmetry.space_group_name_H-M   'P 21 21 21'
#
loop_
_entity.id
_entity.type
_entity.pdbx_description
1 polymer 'Gamma glutamyl transpeptidase'
2 polymer Gamma-glutamyltranspeptidase
3 non-polymer 'MAGNESIUM ION'
4 non-polymer 'GLUTAMIC ACID'
5 water water
#
loop_
_entity_poly.entity_id
_entity_poly.type
_entity_poly.pdbx_seq_one_letter_code
_entity_poly.pdbx_strand_id
1 'polypeptide(L)'
;MRRLAFLVVAFCLAVGCFFSPVSKAEGVMSGGDGDKVAVGKDGMVATAHPLASKIGAEVLKKGGNAIDAAIAIQYALNVT
EPMMSGIGGGGFMMVYDGETKETSIINSRERAPEGAKPDMFLDEDGKVIPFSERSRHGNAVGVPGTLKGLEAAHKKWGTK
KMEDLISPSIKLTEEGFPIDSVLADAIKDHQDKLSKTAAKDIFLPDGEPLKEGDILVQKDMAKTFKLIRKEGSKAFYDGE
IGRAIADVVQDFGGSMTPDDLSRYEVTTDKPIWGEYHGYDIASMPPPSSGGVFMLQMLKLIDDFHLSQYDPKSFEKYHLL
AETMHLSYADRAAYAGDPEFVDVPLRGLLDPDYIKERQKLISLDSMNRDVKEGDPWKYEEGEPNYEIVPQPEDKTIGE
;
A
2 'polypeptide(L)'
;TTHFTVTDQWGNVVSYTTTIEQLFGTGILVPGYGLFLNNELTDFDAIPGGANEVQPNKRPLSSMTPTIVFKDEKPVLTVG
SPGGTTIIASVFQTILNYFEYGMSLQDAIEEPRIYTNSLTSYRYESGMPEDVRRKLNDFGHKFGSNPVDIGNVQSIFIDR
ENKTFMGVADSSRNGTAVGVNIKTSAK
;
B
#
loop_
_chem_comp.id
_chem_comp.type
_chem_comp.name
_chem_comp.formula
MG non-polymer 'MAGNESIUM ION' 'Mg 2'
#
# COMPACT_ATOMS: atom_id res chain seq x y z
N ASP A 35 -2.06 -21.59 -7.91
CA ASP A 35 -1.70 -21.11 -9.29
C ASP A 35 -1.50 -19.57 -9.42
N LYS A 36 -0.36 -19.18 -10.02
CA LYS A 36 0.15 -17.82 -9.94
C LYS A 36 -0.34 -16.94 -11.10
N VAL A 37 -0.56 -17.58 -12.25
CA VAL A 37 -1.22 -16.93 -13.38
C VAL A 37 -2.57 -17.60 -13.69
N ALA A 38 -3.48 -16.87 -14.31
CA ALA A 38 -4.75 -17.44 -14.80
C ALA A 38 -5.56 -16.49 -15.70
N VAL A 39 -6.52 -17.07 -16.44
CA VAL A 39 -7.31 -16.35 -17.43
C VAL A 39 -8.82 -16.52 -17.15
N GLY A 40 -9.60 -15.47 -17.42
CA GLY A 40 -11.06 -15.52 -17.18
C GLY A 40 -11.85 -14.71 -18.20
N LYS A 41 -13.10 -15.06 -18.46
CA LYS A 41 -13.91 -14.23 -19.34
C LYS A 41 -14.85 -13.34 -18.55
N ASP A 42 -15.58 -13.92 -17.61
CA ASP A 42 -16.65 -13.19 -16.95
C ASP A 42 -16.22 -12.56 -15.59
N GLY A 43 -14.96 -12.76 -15.22
CA GLY A 43 -14.41 -12.13 -14.05
C GLY A 43 -12.95 -12.49 -13.86
N MET A 44 -12.28 -11.75 -13.00
CA MET A 44 -10.94 -12.15 -12.56
C MET A 44 -10.60 -11.57 -11.19
N VAL A 45 -9.73 -12.26 -10.46
CA VAL A 45 -9.31 -11.84 -9.14
C VAL A 45 -7.91 -12.36 -8.83
N ALA A 46 -7.08 -11.48 -8.28
CA ALA A 46 -5.71 -11.81 -7.95
C ALA A 46 -5.37 -11.24 -6.58
N THR A 47 -5.09 -12.09 -5.58
CA THR A 47 -4.89 -11.62 -4.21
C THR A 47 -3.70 -12.24 -3.56
N ALA A 48 -3.23 -11.58 -2.50
CA ALA A 48 -2.00 -11.93 -1.81
C ALA A 48 -2.03 -13.33 -1.18
N HIS A 49 -3.23 -13.85 -0.95
CA HIS A 49 -3.42 -15.09 -0.21
C HIS A 49 -4.41 -16.00 -0.94
N PRO A 50 -4.06 -17.30 -1.10
CA PRO A 50 -4.93 -18.14 -1.93
C PRO A 50 -6.32 -18.37 -1.33
N LEU A 51 -6.40 -18.38 0.00
CA LEU A 51 -7.67 -18.48 0.67
C LEU A 51 -8.42 -17.17 0.75
N ALA A 52 -7.93 -16.08 0.14
CA ALA A 52 -8.74 -14.86 -0.04
C ALA A 52 -9.37 -14.87 -1.43
N SER A 53 -8.60 -15.35 -2.40
CA SER A 53 -8.91 -15.18 -3.83
C SER A 53 -10.30 -15.54 -4.48
N LYS A 54 -10.65 -16.76 -4.88
CA LYS A 54 -10.88 -17.94 -4.11
C LYS A 54 -12.16 -17.71 -3.34
N ILE A 55 -12.22 -16.67 -2.52
CA ILE A 55 -13.46 -16.25 -1.87
C ILE A 55 -14.12 -15.13 -2.67
N GLY A 56 -13.29 -14.25 -3.21
CA GLY A 56 -13.78 -13.20 -4.09
C GLY A 56 -14.42 -13.85 -5.30
N ALA A 57 -13.77 -14.90 -5.80
CA ALA A 57 -14.24 -15.59 -6.99
C ALA A 57 -15.66 -16.12 -6.76
N GLU A 58 -15.91 -16.72 -5.59
CA GLU A 58 -17.27 -17.18 -5.22
C GLU A 58 -18.31 -16.06 -5.37
N VAL A 59 -17.96 -14.85 -4.96
CA VAL A 59 -18.85 -13.70 -5.08
C VAL A 59 -19.20 -13.43 -6.53
N LEU A 60 -18.19 -13.50 -7.39
CA LEU A 60 -18.43 -13.23 -8.80
C LEU A 60 -19.23 -14.35 -9.43
N LYS A 61 -18.90 -15.60 -9.08
CA LYS A 61 -19.64 -16.77 -9.58
C LYS A 61 -21.13 -16.68 -9.24
N LYS A 62 -21.45 -16.08 -8.11
CA LYS A 62 -22.86 -15.92 -7.76
C LYS A 62 -23.57 -14.76 -8.46
N GLY A 63 -22.87 -14.05 -9.34
CA GLY A 63 -23.41 -12.83 -9.94
C GLY A 63 -23.08 -11.52 -9.24
N GLY A 64 -22.35 -11.57 -8.13
CA GLY A 64 -21.96 -10.37 -7.44
C GLY A 64 -20.90 -9.65 -8.27
N ASN A 65 -20.73 -8.37 -8.00
CA ASN A 65 -19.83 -7.55 -8.79
C ASN A 65 -18.43 -7.40 -8.16
N ALA A 66 -17.56 -6.67 -8.85
CA ALA A 66 -16.21 -6.43 -8.35
C ALA A 66 -16.12 -5.82 -6.94
N ILE A 67 -16.99 -4.87 -6.63
CA ILE A 67 -16.93 -4.21 -5.34
C ILE A 67 -17.31 -5.21 -4.26
N ASP A 68 -18.39 -5.95 -4.48
CA ASP A 68 -18.83 -7.00 -3.55
C ASP A 68 -17.64 -7.86 -3.22
N ALA A 69 -17.00 -8.35 -4.28
CA ALA A 69 -15.85 -9.25 -4.15
C ALA A 69 -14.68 -8.60 -3.41
N ALA A 70 -14.38 -7.36 -3.74
CA ALA A 70 -13.28 -6.64 -3.11
C ALA A 70 -13.46 -6.58 -1.60
N ILE A 71 -14.69 -6.27 -1.20
CA ILE A 71 -15.09 -6.20 0.20
C ILE A 71 -14.84 -7.55 0.88
N ALA A 72 -15.31 -8.60 0.22
CA ALA A 72 -15.16 -9.94 0.76
C ALA A 72 -13.70 -10.28 0.94
N ILE A 73 -12.91 -9.90 -0.06
CA ILE A 73 -11.50 -10.17 -0.01
C ILE A 73 -10.83 -9.47 1.16
N GLN A 74 -11.18 -8.21 1.38
CA GLN A 74 -10.55 -7.47 2.48
C GLN A 74 -10.77 -8.15 3.80
N TYR A 75 -11.99 -8.65 4.03
CA TYR A 75 -12.27 -9.36 5.26
C TYR A 75 -11.41 -10.62 5.31
N ALA A 76 -11.36 -11.33 4.19
CA ALA A 76 -10.60 -12.58 4.11
C ALA A 76 -9.12 -12.37 4.40
N LEU A 77 -8.56 -11.33 3.79
CA LEU A 77 -7.17 -10.97 4.02
C LEU A 77 -6.92 -10.59 5.45
N ASN A 78 -7.91 -9.94 6.06
CA ASN A 78 -7.82 -9.54 7.45
C ASN A 78 -7.60 -10.74 8.34
N VAL A 79 -8.25 -11.83 7.97
CA VAL A 79 -8.17 -13.07 8.73
C VAL A 79 -6.95 -13.93 8.39
N THR A 80 -6.71 -14.07 7.08
CA THR A 80 -5.64 -14.92 6.53
C THR A 80 -4.27 -14.27 6.38
N GLU A 81 -4.24 -12.94 6.31
CA GLU A 81 -3.01 -12.19 6.15
C GLU A 81 -3.05 -11.08 7.14
N PRO A 82 -3.24 -11.43 8.43
CA PRO A 82 -3.56 -10.44 9.46
C PRO A 82 -2.46 -9.42 9.74
N MET A 83 -1.21 -9.73 9.39
CA MET A 83 -0.12 -8.80 9.64
C MET A 83 -0.15 -7.65 8.62
N MET A 84 -0.83 -7.84 7.48
CA MET A 84 -0.75 -6.89 6.37
C MET A 84 -1.87 -5.86 6.34
N SER A 85 -3.12 -6.29 6.37
CA SER A 85 -4.23 -5.37 6.21
C SER A 85 -5.32 -5.66 7.21
N GLY A 86 -6.20 -4.71 7.43
CA GLY A 86 -7.14 -4.85 8.54
C GLY A 86 -8.05 -3.68 8.82
N ILE A 87 -9.11 -3.97 9.57
CA ILE A 87 -10.13 -3.00 9.97
C ILE A 87 -9.59 -2.12 11.08
N GLY A 88 -8.46 -2.53 11.65
CA GLY A 88 -7.64 -1.68 12.48
C GLY A 88 -6.59 -0.99 11.64
N GLY A 89 -6.94 -0.53 10.44
CA GLY A 89 -6.04 0.23 9.59
C GLY A 89 -6.72 1.03 8.47
N GLY A 90 -5.99 1.30 7.40
CA GLY A 90 -6.53 2.09 6.30
C GLY A 90 -6.24 1.52 4.94
N GLY A 91 -6.76 2.17 3.90
CA GLY A 91 -6.55 1.70 2.53
C GLY A 91 -6.96 2.71 1.48
N PHE A 92 -6.61 2.42 0.23
CA PHE A 92 -7.13 3.18 -0.90
C PHE A 92 -7.70 2.21 -1.90
N MET A 93 -8.97 2.42 -2.21
CA MET A 93 -9.73 1.52 -3.07
C MET A 93 -10.04 2.24 -4.34
N MET A 94 -9.39 1.90 -5.43
CA MET A 94 -9.71 2.56 -6.70
C MET A 94 -10.73 1.77 -7.50
N VAL A 95 -11.84 2.41 -7.86
CA VAL A 95 -12.88 1.74 -8.65
C VAL A 95 -13.13 2.46 -9.99
N TYR A 96 -13.25 1.68 -11.05
CA TYR A 96 -13.80 2.19 -12.31
C TYR A 96 -15.23 1.69 -12.45
N ASP A 97 -16.14 2.64 -12.66
CA ASP A 97 -17.59 2.40 -12.69
C ASP A 97 -18.13 1.93 -14.05
N GLY A 98 -18.81 0.78 -14.02
CA GLY A 98 -19.80 0.38 -15.04
C GLY A 98 -19.66 0.85 -16.48
N GLU A 99 -20.43 1.80 -16.99
CA GLU A 99 -21.76 2.32 -16.56
C GLU A 99 -21.65 3.83 -16.46
N THR A 100 -21.26 4.38 -15.30
CA THR A 100 -20.85 5.79 -15.19
C THR A 100 -19.55 6.08 -15.93
N LYS A 101 -18.63 5.12 -15.86
CA LYS A 101 -17.36 5.17 -16.56
C LYS A 101 -16.39 6.20 -15.96
N GLU A 102 -16.75 6.77 -14.82
CA GLU A 102 -15.83 7.56 -14.02
C GLU A 102 -15.03 6.70 -13.07
N THR A 103 -13.93 7.26 -12.59
CA THR A 103 -13.06 6.53 -11.70
C THR A 103 -12.95 7.34 -10.42
N SER A 104 -12.99 6.61 -9.32
CA SER A 104 -12.98 7.21 -7.99
C SER A 104 -12.20 6.29 -7.00
N ILE A 105 -11.95 6.84 -5.82
CA ILE A 105 -11.05 6.19 -4.85
C ILE A 105 -11.60 6.38 -3.47
N ILE A 106 -11.90 5.28 -2.77
CA ILE A 106 -12.36 5.30 -1.40
C ILE A 106 -11.12 5.34 -0.54
N ASN A 107 -10.88 6.55 -0.02
CA ASN A 107 -9.77 6.85 0.84
C ASN A 107 -10.17 6.65 2.28
N SER A 108 -9.70 5.54 2.81
CA SER A 108 -10.03 5.16 4.18
C SER A 108 -8.78 5.16 5.04
N ARG A 109 -7.83 6.05 4.73
CA ARG A 109 -6.61 6.19 5.50
C ARG A 109 -6.91 6.74 6.88
N GLU A 110 -6.18 6.25 7.86
CA GLU A 110 -6.41 6.64 9.24
C GLU A 110 -6.12 8.11 9.50
N ARG A 111 -6.76 8.64 10.54
CA ARG A 111 -6.53 10.01 10.97
C ARG A 111 -5.98 10.01 12.38
N ALA A 112 -5.14 10.99 12.67
CA ALA A 112 -4.60 11.15 14.00
C ALA A 112 -5.69 11.67 14.91
N PRO A 113 -5.75 11.13 16.14
CA PRO A 113 -6.70 11.63 17.14
C PRO A 113 -6.40 13.09 17.54
N GLU A 114 -7.39 13.76 18.11
CA GLU A 114 -7.24 15.16 18.49
C GLU A 114 -6.14 15.36 19.54
N GLY A 115 -5.79 14.31 20.26
CA GLY A 115 -4.75 14.39 21.28
C GLY A 115 -3.33 14.31 20.75
N ALA A 116 -3.17 13.92 19.49
CA ALA A 116 -1.85 13.81 18.90
C ALA A 116 -1.19 15.18 18.78
N LYS A 117 0.13 15.18 18.77
CA LYS A 117 0.92 16.41 18.78
C LYS A 117 2.09 16.30 17.79
N PRO A 118 2.40 17.39 17.06
CA PRO A 118 3.48 17.37 16.08
C PRO A 118 4.80 16.75 16.54
N ASP A 119 5.14 16.97 17.80
CA ASP A 119 6.40 16.43 18.33
C ASP A 119 6.19 15.24 19.25
N MET A 120 5.05 14.57 19.12
CA MET A 120 4.81 13.42 19.97
C MET A 120 5.82 12.30 19.76
N PHE A 121 6.60 12.34 18.68
CA PHE A 121 7.56 11.28 18.42
C PHE A 121 8.98 11.65 18.83
N LEU A 122 9.11 12.72 19.58
CA LEU A 122 10.41 13.07 20.15
C LEU A 122 10.44 12.68 21.61
N ASP A 123 11.59 12.24 22.10
CA ASP A 123 11.76 11.99 23.54
C ASP A 123 11.93 13.33 24.27
N GLU A 124 12.12 13.27 25.59
CA GLU A 124 12.24 14.48 26.40
C GLU A 124 13.46 15.36 26.03
N ASP A 125 14.45 14.78 25.37
CA ASP A 125 15.60 15.58 24.90
C ASP A 125 15.40 16.19 23.50
N GLY A 126 14.22 16.00 22.93
CA GLY A 126 13.94 16.52 21.60
C GLY A 126 14.48 15.64 20.50
N LYS A 127 14.94 14.44 20.87
CA LYS A 127 15.48 13.49 19.90
C LYS A 127 14.43 12.46 19.47
N VAL A 128 14.44 12.09 18.20
CA VAL A 128 13.45 11.16 17.64
C VAL A 128 13.45 9.81 18.35
N ILE A 129 12.29 9.30 18.72
CA ILE A 129 12.28 8.09 19.51
C ILE A 129 12.51 6.93 18.56
N PRO A 130 13.45 6.00 18.88
CA PRO A 130 13.79 4.88 18.02
C PRO A 130 12.56 4.27 17.33
N PHE A 131 12.69 4.00 16.03
CA PHE A 131 11.55 3.47 15.28
C PHE A 131 10.89 2.26 15.93
N SER A 132 11.69 1.25 16.28
CA SER A 132 11.19 0.10 17.07
C SER A 132 10.27 0.48 18.26
N GLU A 133 10.50 1.66 18.87
CA GLU A 133 9.74 2.07 20.04
C GLU A 133 8.49 2.83 19.65
N ARG A 134 8.68 3.80 18.76
CA ARG A 134 7.55 4.60 18.22
C ARG A 134 6.50 3.73 17.62
N SER A 135 7.00 2.72 16.92
CA SER A 135 6.29 1.71 16.14
C SER A 135 5.17 1.04 16.92
N ARG A 136 5.32 0.92 18.23
CA ARG A 136 4.38 0.11 19.03
C ARG A 136 3.55 0.94 20.00
N HIS A 137 4.00 2.16 20.26
CA HIS A 137 3.39 3.04 21.24
C HIS A 137 1.95 3.41 20.86
N GLY A 138 1.17 3.80 21.86
CA GLY A 138 -0.21 4.15 21.64
C GLY A 138 -0.37 5.32 20.69
N ASN A 139 0.60 6.23 20.75
CA ASN A 139 0.54 7.41 19.90
C ASN A 139 0.58 7.06 18.42
N ALA A 140 1.08 5.86 18.11
CA ALA A 140 1.25 5.43 16.72
C ALA A 140 -0.05 5.06 16.06
N VAL A 141 -1.06 4.74 16.86
CA VAL A 141 -2.28 4.15 16.28
C VAL A 141 -3.26 5.20 15.81
N GLY A 142 -3.51 5.29 14.51
CA GLY A 142 -4.44 6.26 13.99
C GLY A 142 -5.81 5.62 13.93
N VAL A 143 -6.86 6.45 13.89
CA VAL A 143 -8.22 5.91 13.90
C VAL A 143 -8.43 5.04 12.67
N PRO A 144 -8.71 3.76 12.87
CA PRO A 144 -8.94 2.84 11.74
C PRO A 144 -10.06 3.27 10.83
N GLY A 145 -9.84 3.25 9.52
CA GLY A 145 -10.86 3.73 8.59
C GLY A 145 -11.42 2.68 7.64
N THR A 146 -10.77 1.52 7.56
CA THR A 146 -11.12 0.57 6.54
C THR A 146 -12.59 0.17 6.61
N LEU A 147 -13.14 -0.13 7.78
CA LEU A 147 -14.52 -0.58 7.86
C LEU A 147 -15.54 0.39 7.24
N LYS A 148 -15.39 1.66 7.60
CA LYS A 148 -16.32 2.68 7.04
C LYS A 148 -16.13 2.74 5.51
N GLY A 149 -14.90 2.59 5.05
CA GLY A 149 -14.61 2.66 3.62
C GLY A 149 -15.25 1.52 2.86
N LEU A 150 -15.27 0.33 3.44
CA LEU A 150 -15.93 -0.81 2.80
C LEU A 150 -17.42 -0.54 2.68
N GLU A 151 -17.98 0.00 3.76
CA GLU A 151 -19.42 0.31 3.79
C GLU A 151 -19.72 1.39 2.79
N ALA A 152 -18.88 2.43 2.73
CA ALA A 152 -19.03 3.47 1.69
C ALA A 152 -19.09 2.91 0.28
N ALA A 153 -18.13 2.04 -0.03
CA ALA A 153 -18.07 1.41 -1.35
C ALA A 153 -19.35 0.60 -1.62
N HIS A 154 -19.80 -0.12 -0.61
CA HIS A 154 -21.05 -0.85 -0.62
C HIS A 154 -22.27 0.06 -0.48
N LYS A 155 -23.03 0.16 -1.54
CA LYS A 155 -24.14 1.09 -1.67
C LYS A 155 -23.80 2.11 -2.75
N LYS A 156 -22.58 2.64 -2.72
CA LYS A 156 -22.09 3.44 -3.84
C LYS A 156 -22.18 2.48 -5.02
N TRP A 157 -21.77 1.22 -4.80
CA TRP A 157 -21.64 0.23 -5.84
C TRP A 157 -22.30 -1.08 -5.40
N GLY A 158 -21.95 -1.52 -4.20
CA GLY A 158 -22.28 -2.85 -3.68
C GLY A 158 -23.67 -3.37 -3.97
N THR A 159 -23.80 -4.65 -4.34
CA THR A 159 -25.11 -5.20 -4.65
C THR A 159 -25.12 -6.62 -4.09
N LYS A 160 -24.97 -6.66 -2.78
CA LYS A 160 -25.05 -7.88 -1.97
C LYS A 160 -24.68 -7.49 -0.53
N LYS A 161 -24.44 -8.46 0.35
CA LYS A 161 -24.29 -8.19 1.81
C LYS A 161 -25.74 -7.88 2.33
N MET A 162 -25.97 -7.04 3.36
CA MET A 162 -24.98 -6.52 4.33
C MET A 162 -24.53 -7.57 5.37
N GLU A 163 -24.15 -8.76 4.91
CA GLU A 163 -23.86 -9.90 5.79
C GLU A 163 -23.18 -11.04 5.03
N ASP A 164 -23.54 -11.22 3.75
CA ASP A 164 -23.05 -12.37 2.96
C ASP A 164 -21.53 -12.35 2.73
N LEU A 165 -21.00 -11.15 2.47
CA LEU A 165 -19.59 -10.94 2.12
C LEU A 165 -18.58 -11.06 3.28
N ILE A 166 -19.07 -11.02 4.51
CA ILE A 166 -18.28 -11.07 5.71
C ILE A 166 -18.31 -12.48 6.36
N SER A 167 -19.41 -13.21 6.11
CA SER A 167 -19.56 -14.55 6.69
C SER A 167 -18.43 -15.53 6.38
N PRO A 168 -17.89 -15.55 5.15
CA PRO A 168 -16.89 -16.59 4.92
C PRO A 168 -15.59 -16.34 5.70
N SER A 169 -15.31 -15.06 5.96
CA SER A 169 -14.18 -14.65 6.76
C SER A 169 -14.42 -15.01 8.22
N ILE A 170 -15.68 -14.91 8.66
CA ILE A 170 -16.03 -15.31 10.03
C ILE A 170 -15.79 -16.80 10.25
N LYS A 171 -16.09 -17.60 9.24
CA LYS A 171 -15.77 -19.03 9.31
C LYS A 171 -14.28 -19.30 9.45
N LEU A 172 -13.45 -18.56 8.72
CA LEU A 172 -12.01 -18.78 8.83
C LEU A 172 -11.44 -18.28 10.17
N THR A 173 -12.02 -17.21 10.70
CA THR A 173 -11.68 -16.71 12.03
C THR A 173 -12.11 -17.66 13.13
N GLU A 174 -13.30 -18.21 12.99
CA GLU A 174 -13.88 -19.04 14.04
C GLU A 174 -13.34 -20.46 14.00
N GLU A 175 -13.40 -21.11 12.83
CA GLU A 175 -12.92 -22.47 12.71
C GLU A 175 -11.42 -22.55 12.36
N GLY A 176 -10.80 -21.41 12.04
CA GLY A 176 -9.35 -21.35 11.77
C GLY A 176 -8.92 -21.84 10.39
N PHE A 177 -7.62 -21.83 10.15
CA PHE A 177 -7.06 -22.27 8.89
C PHE A 177 -5.55 -22.45 9.04
N PRO A 178 -4.91 -23.21 8.15
CA PRO A 178 -3.46 -23.36 8.24
C PRO A 178 -2.71 -22.14 7.70
N ILE A 179 -1.67 -21.71 8.40
CA ILE A 179 -0.92 -20.52 8.04
C ILE A 179 0.13 -20.85 6.99
N ASP A 180 0.24 -19.94 6.03
CA ASP A 180 1.25 -19.99 4.96
C ASP A 180 2.62 -19.51 5.43
N SER A 181 3.60 -19.65 4.55
CA SER A 181 5.00 -19.36 4.82
C SER A 181 5.15 -17.93 5.35
N VAL A 182 4.55 -17.03 4.58
CA VAL A 182 4.72 -15.58 4.81
C VAL A 182 4.18 -15.19 6.17
N LEU A 183 2.98 -15.64 6.51
CA LEU A 183 2.42 -15.44 7.84
C LEU A 183 3.24 -16.11 8.94
N ALA A 184 3.65 -17.36 8.72
CA ALA A 184 4.50 -18.05 9.68
C ALA A 184 5.74 -17.22 9.99
N ASP A 185 6.40 -16.73 8.93
CA ASP A 185 7.60 -15.93 9.06
C ASP A 185 7.40 -14.50 9.65
N ALA A 186 6.27 -13.88 9.37
CA ALA A 186 5.91 -12.67 10.09
C ALA A 186 5.97 -12.95 11.58
N ILE A 187 5.35 -14.04 12.04
CA ILE A 187 5.16 -14.24 13.48
C ILE A 187 6.52 -14.46 14.12
N LYS A 188 7.35 -15.26 13.44
CA LYS A 188 8.72 -15.50 13.90
C LYS A 188 9.59 -14.23 13.93
N ASP A 189 9.58 -13.48 12.83
CA ASP A 189 10.34 -12.24 12.77
C ASP A 189 9.80 -11.19 13.74
N HIS A 190 8.55 -11.28 14.18
CA HIS A 190 8.05 -10.36 15.20
C HIS A 190 7.67 -11.00 16.52
N GLN A 191 8.50 -11.92 17.01
CA GLN A 191 8.27 -12.54 18.34
C GLN A 191 8.20 -11.48 19.44
N ASP A 192 9.17 -10.59 19.41
CA ASP A 192 9.36 -9.68 20.51
C ASP A 192 8.24 -8.64 20.61
N LYS A 193 7.78 -8.13 19.47
CA LYS A 193 6.64 -7.17 19.44
C LYS A 193 5.38 -7.88 19.93
N LEU A 194 5.17 -9.07 19.40
CA LEU A 194 3.99 -9.86 19.66
C LEU A 194 3.86 -10.36 21.08
N SER A 195 5.00 -10.66 21.74
CA SER A 195 4.99 -10.93 23.22
C SER A 195 4.34 -9.79 24.07
N LYS A 196 4.88 -8.60 23.92
CA LYS A 196 4.42 -7.45 24.63
C LYS A 196 2.89 -7.22 24.67
N THR A 197 2.16 -7.81 23.71
CA THR A 197 0.76 -7.52 23.50
C THR A 197 -0.12 -8.70 23.79
N ALA A 198 -1.42 -8.42 23.86
CA ALA A 198 -2.43 -9.44 23.99
C ALA A 198 -2.34 -10.50 22.89
N ALA A 199 -1.57 -10.22 21.85
CA ALA A 199 -1.48 -11.14 20.73
C ALA A 199 -0.77 -12.40 21.14
N LYS A 200 0.08 -12.36 22.16
CA LYS A 200 0.96 -13.51 22.42
C LYS A 200 0.18 -14.79 22.75
N ASP A 201 -0.99 -14.63 23.37
CA ASP A 201 -1.82 -15.76 23.74
C ASP A 201 -2.20 -16.60 22.52
N ILE A 202 -2.40 -15.95 21.39
CA ILE A 202 -2.94 -16.64 20.23
C ILE A 202 -1.95 -16.82 19.06
N PHE A 203 -0.95 -15.94 18.90
CA PHE A 203 0.11 -16.13 17.92
C PHE A 203 1.38 -16.79 18.47
N LEU A 204 1.57 -16.72 19.79
CA LEU A 204 2.72 -17.35 20.44
C LEU A 204 2.16 -18.32 21.50
N PRO A 205 1.46 -19.39 21.02
CA PRO A 205 0.48 -20.05 21.92
C PRO A 205 1.09 -20.51 23.24
N ASP A 206 2.00 -21.46 23.16
CA ASP A 206 2.75 -21.83 24.35
C ASP A 206 3.96 -20.92 24.34
N GLY A 207 5.15 -21.48 24.43
CA GLY A 207 6.37 -20.67 24.31
C GLY A 207 6.60 -20.01 22.94
N GLU A 208 6.46 -20.81 21.88
CA GLU A 208 6.93 -20.44 20.55
C GLU A 208 5.82 -19.99 19.58
N PRO A 209 6.22 -19.55 18.35
CA PRO A 209 5.32 -19.02 17.32
C PRO A 209 4.93 -20.08 16.30
N LEU A 210 3.67 -20.06 15.89
CA LEU A 210 3.14 -21.07 15.00
C LEU A 210 4.01 -21.24 13.75
N LYS A 211 4.19 -22.49 13.34
CA LYS A 211 4.90 -22.84 12.12
C LYS A 211 3.93 -22.99 10.95
N GLU A 212 4.47 -22.95 9.74
CA GLU A 212 3.69 -23.24 8.55
C GLU A 212 2.82 -24.47 8.84
N GLY A 213 1.55 -24.38 8.50
CA GLY A 213 0.68 -25.55 8.66
C GLY A 213 -0.11 -25.60 9.95
N ASP A 214 0.40 -24.97 11.02
CA ASP A 214 -0.36 -24.86 12.26
C ASP A 214 -1.62 -24.07 11.98
N ILE A 215 -2.66 -24.35 12.76
CA ILE A 215 -3.97 -23.77 12.50
C ILE A 215 -4.19 -22.54 13.36
N LEU A 216 -4.45 -21.41 12.71
CA LEU A 216 -4.67 -20.15 13.42
C LEU A 216 -6.13 -19.89 13.57
N VAL A 217 -6.59 -19.86 14.82
CA VAL A 217 -8.00 -19.58 15.13
C VAL A 217 -8.07 -18.25 15.85
N GLN A 218 -8.96 -17.38 15.39
CA GLN A 218 -9.12 -16.06 15.97
C GLN A 218 -10.54 -15.89 16.41
N LYS A 219 -10.88 -16.56 17.51
CA LYS A 219 -12.23 -16.51 18.10
C LYS A 219 -12.70 -15.08 18.38
N ASP A 220 -11.83 -14.26 18.94
CA ASP A 220 -12.23 -12.90 19.29
C ASP A 220 -12.47 -12.08 18.04
N MET A 221 -11.62 -12.23 17.03
CA MET A 221 -11.80 -11.53 15.76
C MET A 221 -13.14 -11.96 15.15
N ALA A 222 -13.47 -13.24 15.23
CA ALA A 222 -14.74 -13.70 14.72
C ALA A 222 -15.89 -12.99 15.46
N LYS A 223 -15.71 -12.81 16.76
CA LYS A 223 -16.69 -12.12 17.60
C LYS A 223 -16.98 -10.73 17.04
N THR A 224 -15.89 -10.02 16.80
CA THR A 224 -15.97 -8.69 16.28
C THR A 224 -16.63 -8.71 14.90
N PHE A 225 -16.25 -9.65 14.04
CA PHE A 225 -16.82 -9.69 12.70
C PHE A 225 -18.31 -9.96 12.72
N LYS A 226 -18.74 -10.86 13.61
CA LYS A 226 -20.18 -11.13 13.77
C LYS A 226 -20.91 -9.85 14.19
N LEU A 227 -20.26 -9.09 15.06
CA LEU A 227 -20.82 -7.87 15.57
C LEU A 227 -20.89 -6.81 14.45
N ILE A 228 -19.88 -6.80 13.59
CA ILE A 228 -19.90 -5.89 12.44
C ILE A 228 -21.06 -6.25 11.55
N ARG A 229 -21.29 -7.53 11.34
CA ARG A 229 -22.40 -7.97 10.51
C ARG A 229 -23.74 -7.47 11.02
N LYS A 230 -23.96 -7.55 12.35
CA LYS A 230 -25.25 -7.20 12.97
C LYS A 230 -25.58 -5.70 13.03
N GLU A 231 -24.78 -4.94 13.78
CA GLU A 231 -25.13 -3.54 14.06
C GLU A 231 -24.43 -2.57 13.08
N GLY A 232 -23.75 -3.15 12.11
CA GLY A 232 -23.14 -2.37 11.05
C GLY A 232 -21.82 -1.85 11.52
N SER A 233 -21.39 -0.75 10.91
CA SER A 233 -20.17 -0.04 11.27
C SER A 233 -20.21 0.59 12.63
N LYS A 234 -21.38 0.93 13.15
CA LYS A 234 -21.41 1.84 14.29
C LYS A 234 -20.94 1.15 15.58
N ALA A 235 -20.89 -0.18 15.50
CA ALA A 235 -20.26 -0.94 16.56
C ALA A 235 -18.81 -0.54 16.73
N PHE A 236 -18.25 0.10 15.71
CA PHE A 236 -16.84 0.37 15.63
C PHE A 236 -16.57 1.82 16.04
N TYR A 237 -17.33 2.70 15.41
CA TYR A 237 -17.06 4.15 15.57
C TYR A 237 -17.96 4.76 16.62
N ASP A 238 -18.96 3.99 17.05
CA ASP A 238 -19.94 4.40 18.08
C ASP A 238 -20.38 3.20 18.95
N GLY A 239 -19.46 2.30 19.25
CA GLY A 239 -19.82 1.04 19.89
C GLY A 239 -18.87 0.66 20.99
N GLU A 240 -18.91 -0.62 21.35
CA GLU A 240 -18.00 -1.20 22.34
C GLU A 240 -16.58 -1.40 21.80
N ILE A 241 -16.47 -1.78 20.51
CA ILE A 241 -15.14 -1.99 19.91
C ILE A 241 -14.41 -0.66 19.87
N GLY A 242 -15.08 0.41 19.43
CA GLY A 242 -14.45 1.72 19.39
C GLY A 242 -13.91 2.11 20.73
N ARG A 243 -14.74 1.93 21.75
CA ARG A 243 -14.33 2.20 23.12
C ARG A 243 -13.21 1.28 23.57
N ALA A 244 -13.31 -0.02 23.23
CA ALA A 244 -12.23 -0.96 23.51
C ALA A 244 -10.86 -0.53 22.96
N ILE A 245 -10.88 -0.01 21.75
CA ILE A 245 -9.66 0.45 21.12
C ILE A 245 -9.12 1.68 21.88
N ALA A 246 -10.02 2.63 22.18
CA ALA A 246 -9.66 3.81 22.95
C ALA A 246 -8.96 3.41 24.25
N ASP A 247 -9.51 2.40 24.94
CA ASP A 247 -8.85 1.83 26.13
C ASP A 247 -7.39 1.48 25.87
N VAL A 248 -7.15 0.64 24.87
CA VAL A 248 -5.81 0.08 24.65
C VAL A 248 -4.82 1.11 24.15
N VAL A 249 -5.25 2.01 23.28
CA VAL A 249 -4.34 3.01 22.77
C VAL A 249 -3.82 3.78 23.97
N GLN A 250 -4.71 4.12 24.90
CA GLN A 250 -4.29 4.83 26.12
C GLN A 250 -3.43 3.97 27.02
N ASP A 251 -3.81 2.70 27.18
CA ASP A 251 -3.02 1.77 27.99
C ASP A 251 -1.57 1.75 27.50
N PHE A 252 -1.34 1.96 26.21
CA PHE A 252 0.00 1.91 25.65
C PHE A 252 0.60 3.29 25.44
N GLY A 253 -0.02 4.31 26.01
CA GLY A 253 0.54 5.68 25.99
C GLY A 253 -0.08 6.61 24.96
N GLY A 254 -1.20 6.19 24.38
CA GLY A 254 -1.85 6.89 23.29
C GLY A 254 -2.94 7.84 23.76
N SER A 255 -3.41 8.68 22.86
CA SER A 255 -4.42 9.67 23.22
C SER A 255 -5.70 9.49 22.39
N MET A 256 -6.06 8.25 22.11
CA MET A 256 -7.34 8.01 21.38
C MET A 256 -8.54 7.92 22.34
N THR A 257 -9.57 8.71 22.06
CA THR A 257 -10.84 8.66 22.77
C THR A 257 -11.91 8.11 21.82
N PRO A 258 -13.04 7.67 22.39
CA PRO A 258 -14.10 7.24 21.48
C PRO A 258 -14.66 8.40 20.70
N ASP A 259 -14.54 9.63 21.21
CA ASP A 259 -14.93 10.80 20.42
C ASP A 259 -14.22 10.81 19.06
N ASP A 260 -12.92 10.55 19.10
CA ASP A 260 -12.09 10.58 17.88
C ASP A 260 -12.65 9.63 16.84
N LEU A 261 -13.02 8.44 17.30
CA LEU A 261 -13.56 7.38 16.44
C LEU A 261 -14.86 7.85 15.85
N SER A 262 -15.72 8.39 16.70
CA SER A 262 -17.05 8.78 16.26
C SER A 262 -17.01 9.89 15.22
N ARG A 263 -15.98 10.74 15.34
CA ARG A 263 -15.75 11.82 14.37
C ARG A 263 -15.26 11.33 13.00
N TYR A 264 -14.59 10.17 12.95
CA TYR A 264 -13.90 9.75 11.74
C TYR A 264 -14.78 9.53 10.51
N GLU A 265 -14.27 9.99 9.37
CA GLU A 265 -14.98 10.02 8.10
C GLU A 265 -14.06 9.51 6.99
N VAL A 266 -14.52 8.60 6.13
CA VAL A 266 -13.74 8.34 4.91
C VAL A 266 -13.98 9.46 3.93
N THR A 267 -13.12 9.55 2.91
CA THR A 267 -13.35 10.46 1.80
C THR A 267 -13.41 9.71 0.47
N THR A 268 -13.92 10.36 -0.54
CA THR A 268 -13.71 9.87 -1.89
C THR A 268 -12.78 10.85 -2.61
N ASP A 269 -11.75 10.32 -3.27
CA ASP A 269 -10.87 11.14 -4.09
C ASP A 269 -11.05 10.79 -5.55
N LYS A 270 -10.91 11.81 -6.38
CA LYS A 270 -10.85 11.67 -7.83
C LYS A 270 -9.34 11.46 -8.14
N PRO A 271 -8.98 10.51 -9.05
CA PRO A 271 -7.57 10.13 -9.23
C PRO A 271 -6.65 11.24 -9.69
N ILE A 272 -5.34 11.03 -9.53
CA ILE A 272 -4.37 11.84 -10.28
C ILE A 272 -4.11 11.07 -11.56
N TRP A 273 -4.16 11.77 -12.70
CA TRP A 273 -3.95 11.14 -13.99
C TRP A 273 -2.60 11.49 -14.61
N GLY A 274 -2.31 10.79 -15.68
CA GLY A 274 -1.15 11.10 -16.50
C GLY A 274 -1.05 10.11 -17.62
N GLU A 275 -0.43 10.55 -18.71
CA GLU A 275 -0.33 9.76 -19.89
C GLU A 275 1.14 9.38 -20.07
N TYR A 276 1.34 8.27 -20.72
CA TYR A 276 2.65 7.69 -20.87
C TYR A 276 2.60 6.54 -21.86
N HIS A 277 3.51 6.59 -22.85
CA HIS A 277 3.56 5.64 -23.95
C HIS A 277 2.19 5.45 -24.59
N GLY A 278 1.42 6.53 -24.65
CA GLY A 278 0.07 6.50 -25.16
C GLY A 278 -1.01 5.89 -24.28
N TYR A 279 -0.82 5.93 -22.97
CA TYR A 279 -1.84 5.39 -22.04
C TYR A 279 -2.22 6.37 -20.92
N ASP A 280 -3.48 6.37 -20.52
CA ASP A 280 -3.89 7.17 -19.36
C ASP A 280 -3.75 6.32 -18.09
N ILE A 281 -3.03 6.86 -17.12
CA ILE A 281 -2.85 6.18 -15.84
C ILE A 281 -3.57 6.92 -14.73
N ALA A 282 -4.35 6.19 -13.95
CA ALA A 282 -5.06 6.77 -12.82
C ALA A 282 -4.43 6.23 -11.54
N SER A 283 -3.90 7.11 -10.72
CA SER A 283 -3.23 6.66 -9.52
C SER A 283 -3.60 7.56 -8.33
N MET A 284 -2.94 7.33 -7.20
CA MET A 284 -3.30 8.01 -5.95
C MET A 284 -2.74 9.42 -5.78
N PRO A 285 -3.65 10.40 -5.52
CA PRO A 285 -3.26 11.75 -5.13
C PRO A 285 -2.77 11.85 -3.71
N PRO A 286 -2.22 13.00 -3.29
CA PRO A 286 -2.02 13.18 -1.85
C PRO A 286 -3.34 12.94 -1.14
N PRO A 287 -3.32 12.45 0.10
CA PRO A 287 -2.20 12.26 1.01
C PRO A 287 -1.40 10.96 0.72
N SER A 288 -1.42 10.44 -0.50
CA SER A 288 -0.45 9.43 -0.89
C SER A 288 0.58 10.09 -1.76
N SER A 289 1.83 9.60 -1.63
CA SER A 289 2.96 10.05 -2.44
C SER A 289 3.05 9.21 -3.68
N GLY A 290 2.36 8.09 -3.65
CA GLY A 290 2.49 7.09 -4.71
C GLY A 290 2.23 7.55 -6.14
N GLY A 291 1.06 8.16 -6.35
CA GLY A 291 0.61 8.54 -7.68
C GLY A 291 1.57 9.53 -8.31
N VAL A 292 1.82 10.63 -7.62
CA VAL A 292 2.62 11.69 -8.18
C VAL A 292 3.98 11.16 -8.58
N PHE A 293 4.64 10.50 -7.66
CA PHE A 293 6.02 10.25 -7.91
C PHE A 293 6.26 9.07 -8.80
N MET A 294 5.31 8.13 -8.87
CA MET A 294 5.39 7.06 -9.82
C MET A 294 5.24 7.68 -11.21
N LEU A 295 4.32 8.60 -11.35
CA LEU A 295 4.13 9.23 -12.65
C LEU A 295 5.35 10.06 -13.00
N GLN A 296 5.86 10.77 -12.03
CA GLN A 296 7.03 11.60 -12.24
C GLN A 296 8.22 10.74 -12.66
N MET A 297 8.30 9.55 -12.07
CA MET A 297 9.40 8.64 -12.33
C MET A 297 9.34 8.22 -13.79
N LEU A 298 8.15 7.84 -14.24
CA LEU A 298 7.93 7.56 -15.65
C LEU A 298 8.24 8.74 -16.55
N LYS A 299 7.78 9.92 -16.18
CA LYS A 299 7.96 11.12 -17.01
C LYS A 299 9.44 11.39 -17.20
N LEU A 300 10.17 11.29 -16.09
CA LEU A 300 11.61 11.50 -16.13
C LEU A 300 12.27 10.48 -17.00
N ILE A 301 11.89 9.22 -16.83
CA ILE A 301 12.61 8.13 -17.50
C ILE A 301 12.22 8.00 -18.97
N ASP A 302 11.12 8.64 -19.38
CA ASP A 302 10.52 8.29 -20.67
C ASP A 302 11.44 8.68 -21.79
N ASP A 303 11.94 9.90 -21.67
CA ASP A 303 12.71 10.52 -22.72
C ASP A 303 14.02 9.78 -22.98
N PHE A 304 14.42 8.89 -22.06
CA PHE A 304 15.62 8.05 -22.29
C PHE A 304 15.36 6.80 -23.12
N HIS A 305 14.10 6.37 -23.17
CA HIS A 305 13.74 5.15 -23.90
C HIS A 305 14.60 3.95 -23.45
N LEU A 306 14.41 3.55 -22.20
CA LEU A 306 15.20 2.48 -21.62
C LEU A 306 15.22 1.17 -22.43
N SER A 307 14.16 0.82 -23.15
CA SER A 307 14.09 -0.47 -23.86
C SER A 307 15.15 -0.68 -24.94
N GLN A 308 15.91 0.38 -25.27
CA GLN A 308 17.13 0.21 -26.07
C GLN A 308 18.12 -0.70 -25.36
N TYR A 309 18.19 -0.56 -24.03
CA TYR A 309 19.11 -1.27 -23.15
C TYR A 309 18.52 -2.57 -22.66
N ASP A 310 19.39 -3.56 -22.45
CA ASP A 310 19.00 -4.83 -21.86
C ASP A 310 18.35 -4.54 -20.49
N PRO A 311 17.34 -5.33 -20.10
CA PRO A 311 16.74 -5.06 -18.82
C PRO A 311 17.72 -5.15 -17.69
N LYS A 312 18.68 -6.07 -17.75
CA LYS A 312 19.59 -6.27 -16.63
C LYS A 312 20.97 -5.74 -16.98
N SER A 313 20.97 -4.51 -17.48
CA SER A 313 22.17 -3.79 -17.91
C SER A 313 22.45 -2.66 -16.97
N PHE A 314 23.73 -2.42 -16.69
CA PHE A 314 24.18 -1.28 -15.87
C PHE A 314 23.39 -0.01 -16.20
N GLU A 315 23.25 0.22 -17.51
CA GLU A 315 22.69 1.46 -18.04
C GLU A 315 21.35 1.68 -17.34
N LYS A 316 20.47 0.71 -17.55
CA LYS A 316 19.16 0.69 -16.97
C LYS A 316 19.13 0.95 -15.47
N TYR A 317 19.76 0.09 -14.70
CA TYR A 317 19.71 0.20 -13.26
C TYR A 317 20.16 1.57 -12.80
N HIS A 318 21.18 2.10 -13.43
CA HIS A 318 21.70 3.41 -13.07
C HIS A 318 20.66 4.48 -13.37
N LEU A 319 19.96 4.38 -14.49
CA LEU A 319 19.04 5.43 -14.88
C LEU A 319 17.80 5.37 -14.02
N LEU A 320 17.42 4.15 -13.68
CA LEU A 320 16.36 3.92 -12.72
C LEU A 320 16.74 4.50 -11.34
N ALA A 321 17.91 4.10 -10.87
CA ALA A 321 18.43 4.58 -9.59
C ALA A 321 18.47 6.09 -9.44
N GLU A 322 19.00 6.75 -10.47
CA GLU A 322 19.15 8.20 -10.46
C GLU A 322 17.80 8.87 -10.47
N THR A 323 16.86 8.26 -11.21
CA THR A 323 15.52 8.80 -11.34
C THR A 323 14.81 8.70 -9.99
N MET A 324 14.97 7.55 -9.33
CA MET A 324 14.36 7.31 -8.03
C MET A 324 14.82 8.35 -7.03
N HIS A 325 16.12 8.60 -7.04
CA HIS A 325 16.72 9.56 -6.11
C HIS A 325 16.04 10.92 -6.18
N LEU A 326 15.78 11.38 -7.40
CA LEU A 326 15.17 12.68 -7.61
C LEU A 326 13.75 12.73 -7.09
N SER A 327 12.95 11.74 -7.51
CA SER A 327 11.55 11.71 -7.11
C SER A 327 11.38 11.54 -5.61
N TYR A 328 12.16 10.65 -5.02
CA TYR A 328 12.05 10.42 -3.59
C TYR A 328 12.50 11.63 -2.77
N ALA A 329 13.43 12.41 -3.32
CA ALA A 329 13.86 13.62 -2.64
C ALA A 329 12.71 14.62 -2.65
N ASP A 330 12.01 14.71 -3.77
CA ASP A 330 10.87 15.62 -3.86
C ASP A 330 9.80 15.18 -2.85
N ARG A 331 9.60 13.89 -2.73
CA ARG A 331 8.57 13.39 -1.84
C ARG A 331 8.88 13.79 -0.40
N ALA A 332 10.16 13.71 -0.02
CA ALA A 332 10.61 14.00 1.34
C ALA A 332 10.36 15.43 1.73
N ALA A 333 10.33 16.32 0.76
CA ALA A 333 10.06 17.73 1.03
C ALA A 333 8.59 18.17 0.88
N TYR A 334 7.84 17.53 -0.03
CA TYR A 334 6.52 18.08 -0.40
C TYR A 334 5.33 17.15 -0.45
N ALA A 335 5.37 16.07 0.30
CA ALA A 335 4.25 15.14 0.30
C ALA A 335 3.44 15.40 1.58
N GLY A 336 2.11 15.31 1.51
CA GLY A 336 1.32 15.41 2.74
C GLY A 336 -0.14 15.68 2.53
N ASP A 337 -0.94 15.44 3.55
CA ASP A 337 -2.39 15.52 3.44
C ASP A 337 -2.80 16.92 2.95
N PRO A 338 -3.40 17.02 1.73
CA PRO A 338 -3.67 18.32 1.12
C PRO A 338 -4.69 19.20 1.86
N GLU A 339 -5.52 18.61 2.71
CA GLU A 339 -6.41 19.36 3.58
C GLU A 339 -5.62 20.26 4.53
N PHE A 340 -4.37 19.86 4.77
CA PHE A 340 -3.46 20.60 5.63
C PHE A 340 -2.29 21.30 4.91
N VAL A 341 -1.90 20.81 3.74
CA VAL A 341 -0.75 21.39 3.05
C VAL A 341 -1.00 21.54 1.57
N ASP A 342 -0.19 22.37 0.91
CA ASP A 342 -0.36 22.58 -0.53
C ASP A 342 0.75 21.85 -1.29
N VAL A 343 0.36 20.85 -2.04
CA VAL A 343 1.30 20.03 -2.74
C VAL A 343 1.27 20.45 -4.21
N PRO A 344 2.43 20.73 -4.78
CA PRO A 344 2.48 21.22 -6.16
C PRO A 344 2.33 20.06 -7.16
N LEU A 345 1.12 19.55 -7.28
CA LEU A 345 0.88 18.46 -8.22
C LEU A 345 1.18 18.88 -9.66
N ARG A 346 0.80 20.09 -10.06
CA ARG A 346 1.02 20.53 -11.44
C ARG A 346 2.51 20.65 -11.68
N GLY A 347 3.20 21.23 -10.71
CA GLY A 347 4.64 21.51 -10.86
C GLY A 347 5.47 20.25 -10.88
N LEU A 348 5.12 19.31 -10.00
CA LEU A 348 5.85 18.05 -9.85
C LEU A 348 5.80 17.19 -11.11
N LEU A 349 4.82 17.45 -11.96
CA LEU A 349 4.64 16.70 -13.19
C LEU A 349 4.66 17.63 -14.40
N ASP A 350 5.21 18.84 -14.27
CA ASP A 350 5.27 19.75 -15.40
C ASP A 350 6.28 19.29 -16.43
N PRO A 351 5.88 19.37 -17.72
CA PRO A 351 6.84 19.07 -18.80
C PRO A 351 8.18 19.82 -18.70
N ASP A 352 8.12 21.08 -18.27
CA ASP A 352 9.34 21.86 -18.07
C ASP A 352 10.09 21.51 -16.81
N TYR A 353 9.39 21.01 -15.78
CA TYR A 353 10.06 20.52 -14.59
C TYR A 353 10.83 19.28 -14.94
N ILE A 354 10.16 18.35 -15.60
CA ILE A 354 10.79 17.12 -16.05
C ILE A 354 12.11 17.41 -16.79
N LYS A 355 12.07 18.40 -17.67
CA LYS A 355 13.24 18.76 -18.47
C LYS A 355 14.37 19.26 -17.54
N GLU A 356 13.96 20.08 -16.58
CA GLU A 356 14.91 20.68 -15.64
C GLU A 356 15.65 19.60 -14.87
N ARG A 357 14.90 18.59 -14.45
CA ARG A 357 15.40 17.59 -13.56
C ARG A 357 16.12 16.50 -14.31
N GLN A 358 15.69 16.24 -15.55
CA GLN A 358 16.34 15.24 -16.35
C GLN A 358 17.78 15.63 -16.62
N LYS A 359 18.09 16.93 -16.55
CA LYS A 359 19.48 17.41 -16.61
C LYS A 359 20.38 16.64 -15.63
N LEU A 360 19.85 16.37 -14.43
CA LEU A 360 20.58 15.64 -13.36
C LEU A 360 20.89 14.19 -13.70
N ILE A 361 20.17 13.62 -14.66
CA ILE A 361 20.21 12.18 -14.91
C ILE A 361 21.01 11.82 -16.16
N SER A 362 22.22 11.29 -15.97
CA SER A 362 23.14 11.03 -17.06
C SER A 362 23.68 9.61 -16.96
N LEU A 363 24.18 9.11 -18.08
CA LEU A 363 24.89 7.85 -18.08
C LEU A 363 26.35 8.06 -17.72
N ASP A 364 26.80 9.31 -17.71
CA ASP A 364 28.23 9.63 -17.57
C ASP A 364 28.65 10.04 -16.16
N SER A 365 27.87 9.63 -15.17
CA SER A 365 28.10 9.96 -13.75
C SER A 365 26.90 9.66 -12.94
N MET A 366 27.11 9.47 -11.63
CA MET A 366 26.05 9.37 -10.64
C MET A 366 25.92 10.72 -9.92
N ASN A 367 24.72 11.28 -9.86
CA ASN A 367 24.49 12.55 -9.21
C ASN A 367 24.69 12.33 -7.71
N ARG A 368 25.59 13.14 -7.11
CA ARG A 368 25.90 13.11 -5.67
C ARG A 368 25.12 14.16 -4.85
N ASP A 369 24.52 15.11 -5.55
CA ASP A 369 23.90 16.26 -4.89
C ASP A 369 22.40 16.08 -4.99
N VAL A 370 21.92 15.07 -4.28
CA VAL A 370 20.52 14.67 -4.36
C VAL A 370 19.64 15.61 -3.58
N LYS A 371 18.94 16.50 -4.27
CA LYS A 371 18.12 17.49 -3.60
C LYS A 371 16.78 17.57 -4.24
N GLU A 372 15.85 18.17 -3.52
CA GLU A 372 14.53 18.45 -4.03
C GLU A 372 14.68 19.47 -5.16
N GLY A 373 13.75 19.45 -6.09
CA GLY A 373 13.69 20.45 -7.15
C GLY A 373 12.84 21.58 -6.66
N ASP A 374 12.65 22.60 -7.49
CA ASP A 374 11.74 23.73 -7.14
C ASP A 374 10.53 23.73 -8.06
N PRO A 375 9.52 22.89 -7.77
CA PRO A 375 8.34 22.77 -8.61
C PRO A 375 7.42 23.97 -8.40
N TRP A 376 7.74 24.79 -7.41
CA TRP A 376 6.95 26.00 -7.15
C TRP A 376 7.15 27.05 -8.23
N LYS A 377 8.24 26.92 -8.98
CA LYS A 377 8.51 27.84 -10.06
C LYS A 377 7.52 27.62 -11.18
N TYR A 378 6.69 26.56 -11.10
CA TYR A 378 5.78 26.16 -12.19
C TYR A 378 4.32 26.11 -11.74
N GLU A 379 4.10 26.23 -10.45
CA GLU A 379 2.76 26.29 -9.87
C GLU A 379 2.57 27.57 -9.07
N GLU A 380 1.40 28.19 -9.16
CA GLU A 380 1.14 29.38 -8.40
C GLU A 380 1.06 28.91 -6.98
N GLY A 381 1.68 29.67 -6.08
CA GLY A 381 1.72 29.33 -4.65
C GLY A 381 3.12 29.16 -4.12
N GLU A 382 3.23 29.03 -2.80
CA GLU A 382 4.49 28.69 -2.14
C GLU A 382 4.22 27.76 -0.93
N PRO A 383 5.28 27.11 -0.41
CA PRO A 383 5.07 26.08 0.63
C PRO A 383 4.48 26.67 1.89
N ASN A 384 3.58 25.93 2.55
CA ASN A 384 3.08 26.30 3.87
C ASN A 384 3.70 25.37 4.89
N TYR A 385 5.02 25.20 4.77
CA TYR A 385 5.79 24.23 5.54
C TYR A 385 7.26 24.41 5.17
N GLU A 386 8.16 23.79 5.91
CA GLU A 386 9.58 23.84 5.59
C GLU A 386 10.08 22.48 5.08
N ILE A 387 11.39 22.34 4.92
CA ILE A 387 11.98 21.05 4.58
C ILE A 387 12.75 20.60 5.81
N VAL A 388 12.18 19.64 6.54
CA VAL A 388 12.88 19.02 7.66
C VAL A 388 13.58 17.73 7.22
N PRO A 389 14.93 17.66 7.33
CA PRO A 389 15.63 16.40 7.05
C PRO A 389 15.36 15.37 8.13
N GLN A 390 15.18 14.12 7.72
CA GLN A 390 14.71 13.05 8.58
C GLN A 390 15.65 11.81 8.59
N PRO A 391 15.39 10.83 9.48
CA PRO A 391 16.37 9.75 9.70
C PRO A 391 16.19 8.32 9.05
N GLU A 392 15.46 7.39 9.70
CA GLU A 392 15.52 5.90 9.41
C GLU A 392 14.33 5.04 9.98
N ASP A 393 13.46 4.54 9.10
CA ASP A 393 12.16 3.95 9.54
C ASP A 393 12.03 2.44 9.31
N LYS A 394 12.29 1.63 10.33
CA LYS A 394 12.57 0.18 10.20
C LYS A 394 11.58 -0.70 9.39
N THR A 395 10.80 -0.14 8.47
CA THR A 395 9.99 -0.98 7.58
C THR A 395 10.91 -1.55 6.49
N ILE A 396 11.95 -2.24 6.94
CA ILE A 396 13.11 -2.67 6.13
C ILE A 396 13.31 -4.17 6.44
N GLY A 397 14.49 -4.56 6.91
CA GLY A 397 14.65 -5.80 7.67
C GLY A 397 14.07 -5.67 9.07
N THR B 1 0.73 -4.14 4.82
CA THR B 1 0.27 -3.65 3.49
C THR B 1 -0.02 -4.85 2.60
N THR B 2 -1.12 -4.81 1.89
CA THR B 2 -1.34 -5.79 0.85
C THR B 2 -1.99 -5.10 -0.34
N HIS B 3 -1.84 -5.69 -1.54
CA HIS B 3 -2.61 -5.19 -2.68
C HIS B 3 -3.36 -6.31 -3.37
N PHE B 4 -4.58 -6.01 -3.76
CA PHE B 4 -5.40 -6.99 -4.43
C PHE B 4 -6.31 -6.27 -5.41
N THR B 5 -6.71 -7.02 -6.45
CA THR B 5 -7.37 -6.46 -7.60
C THR B 5 -8.42 -7.41 -8.11
N VAL B 6 -9.50 -6.82 -8.62
CA VAL B 6 -10.69 -7.54 -9.09
C VAL B 6 -11.25 -6.87 -10.37
N THR B 7 -11.67 -7.68 -11.34
CA THR B 7 -12.41 -7.19 -12.51
C THR B 7 -13.62 -8.09 -12.74
N ASP B 8 -14.75 -7.51 -13.13
CA ASP B 8 -16.00 -8.28 -13.27
C ASP B 8 -16.50 -8.26 -14.72
N GLN B 9 -17.76 -8.67 -14.92
CA GLN B 9 -18.33 -8.80 -16.26
C GLN B 9 -19.11 -7.58 -16.70
N TRP B 10 -19.23 -6.60 -15.83
CA TRP B 10 -19.90 -5.35 -16.21
C TRP B 10 -18.89 -4.24 -16.25
N GLY B 11 -17.62 -4.61 -16.42
CA GLY B 11 -16.59 -3.63 -16.68
C GLY B 11 -16.13 -2.80 -15.49
N ASN B 12 -16.33 -3.32 -14.30
CA ASN B 12 -15.80 -2.66 -13.11
C ASN B 12 -14.41 -3.16 -12.85
N VAL B 13 -13.55 -2.28 -12.34
CA VAL B 13 -12.14 -2.56 -12.11
C VAL B 13 -11.77 -2.06 -10.72
N VAL B 14 -11.22 -2.95 -9.87
CA VAL B 14 -10.75 -2.55 -8.55
C VAL B 14 -9.27 -2.82 -8.35
N SER B 15 -8.55 -1.76 -8.04
CA SER B 15 -7.16 -1.80 -7.63
C SER B 15 -7.19 -1.28 -6.20
N TYR B 16 -6.82 -2.10 -5.22
CA TYR B 16 -7.00 -1.78 -3.82
C TYR B 16 -5.74 -2.09 -2.99
N THR B 17 -5.03 -1.06 -2.53
CA THR B 17 -3.90 -1.25 -1.63
C THR B 17 -4.33 -0.81 -0.23
N THR B 18 -4.19 -1.72 0.73
CA THR B 18 -4.66 -1.53 2.09
C THR B 18 -3.69 -2.06 3.12
N THR B 19 -3.57 -1.36 4.26
CA THR B 19 -2.51 -1.70 5.24
C THR B 19 -2.73 -1.33 6.70
N ILE B 20 -1.91 -1.89 7.60
CA ILE B 20 -1.90 -1.46 9.00
C ILE B 20 -0.49 -1.00 9.37
N GLU B 21 0.32 -0.80 8.31
CA GLU B 21 1.70 -0.29 8.37
C GLU B 21 2.69 -1.47 8.53
N GLN B 22 3.49 -1.43 9.58
CA GLN B 22 4.39 -2.56 9.91
C GLN B 22 3.58 -3.84 9.94
N LEU B 23 4.22 -4.98 9.77
CA LEU B 23 3.52 -6.24 9.92
C LEU B 23 2.93 -6.29 11.33
N PHE B 24 1.64 -6.59 11.40
CA PHE B 24 0.89 -6.57 12.67
C PHE B 24 0.73 -5.17 13.20
N GLY B 25 0.98 -4.16 12.38
CA GLY B 25 0.96 -2.80 12.86
C GLY B 25 1.82 -2.61 14.11
N THR B 26 1.28 -1.85 15.07
CA THR B 26 1.86 -1.65 16.39
C THR B 26 2.19 -2.96 17.12
N GLY B 27 1.63 -4.04 16.60
CA GLY B 27 1.69 -5.33 17.27
C GLY B 27 0.51 -5.50 18.18
N ILE B 28 -0.18 -4.43 18.52
CA ILE B 28 -1.25 -4.53 19.51
C ILE B 28 -2.57 -5.17 19.05
N LEU B 29 -2.98 -6.21 19.79
CA LEU B 29 -4.24 -6.91 19.55
C LEU B 29 -5.25 -6.38 20.54
N VAL B 30 -6.24 -5.65 20.06
CA VAL B 30 -7.35 -5.21 20.90
C VAL B 30 -7.84 -6.41 21.73
N PRO B 31 -7.72 -6.30 23.07
CA PRO B 31 -7.89 -7.45 23.98
C PRO B 31 -9.32 -7.93 23.97
N GLY B 32 -9.52 -9.22 23.71
CA GLY B 32 -10.88 -9.74 23.62
C GLY B 32 -11.62 -9.22 22.39
N TYR B 33 -10.85 -8.86 21.38
CA TYR B 33 -11.41 -8.60 20.07
C TYR B 33 -10.62 -9.21 18.94
N GLY B 34 -9.37 -9.59 19.22
CA GLY B 34 -8.45 -10.13 18.20
C GLY B 34 -7.90 -9.12 17.18
N LEU B 35 -8.38 -7.89 17.16
CA LEU B 35 -8.07 -6.96 16.09
C LEU B 35 -6.66 -6.40 16.23
N PHE B 36 -5.82 -6.58 15.23
CA PHE B 36 -4.51 -5.90 15.23
C PHE B 36 -4.62 -4.43 14.85
N LEU B 37 -3.84 -3.59 15.54
CA LEU B 37 -3.96 -2.14 15.41
C LEU B 37 -2.80 -1.52 14.64
N ASN B 38 -3.13 -0.63 13.71
CA ASN B 38 -2.13 0.01 12.87
C ASN B 38 -1.17 0.91 13.66
N ASN B 39 0.01 1.17 13.12
CA ASN B 39 0.87 2.26 13.63
C ASN B 39 1.00 3.25 12.52
N GLU B 40 -0.03 3.34 11.68
CA GLU B 40 0.03 4.14 10.43
C GLU B 40 0.55 5.56 10.68
N LEU B 41 0.21 6.13 11.83
CA LEU B 41 0.66 7.46 12.18
C LEU B 41 2.18 7.63 12.19
N THR B 42 2.94 6.54 12.24
CA THR B 42 4.40 6.61 12.21
C THR B 42 4.91 6.73 10.76
N ASP B 43 3.97 6.93 9.83
CA ASP B 43 4.32 7.38 8.48
C ASP B 43 4.54 8.87 8.51
N PHE B 44 3.96 9.55 9.50
CA PHE B 44 4.31 10.94 9.81
C PHE B 44 5.80 11.11 10.05
N ASP B 45 6.35 12.24 9.60
CA ASP B 45 7.74 12.51 9.87
C ASP B 45 7.89 12.77 11.35
N ALA B 46 8.99 12.33 11.95
CA ALA B 46 9.24 12.57 13.38
C ALA B 46 9.49 14.04 13.78
N ILE B 47 10.55 14.60 13.21
CA ILE B 47 10.91 15.98 13.44
C ILE B 47 9.81 16.84 12.81
N PRO B 48 9.13 17.69 13.61
CA PRO B 48 7.99 18.38 13.02
C PRO B 48 8.42 19.65 12.29
N GLY B 49 7.47 20.29 11.59
CA GLY B 49 7.73 21.48 10.77
C GLY B 49 7.72 21.26 9.25
N GLY B 50 7.57 20.01 8.83
CA GLY B 50 7.40 19.71 7.42
C GLY B 50 5.95 19.59 6.99
N ALA B 51 5.76 19.28 5.71
CA ALA B 51 4.46 19.00 5.17
C ALA B 51 3.93 17.68 5.75
N ASN B 52 4.81 16.71 6.07
CA ASN B 52 4.32 15.48 6.68
C ASN B 52 4.58 15.39 8.20
N GLU B 53 4.44 16.52 8.87
CA GLU B 53 4.48 16.53 10.33
C GLU B 53 3.16 16.02 10.87
N VAL B 54 3.14 15.59 12.13
CA VAL B 54 1.91 15.14 12.76
C VAL B 54 1.02 16.33 13.04
N GLN B 55 -0.29 16.17 12.77
CA GLN B 55 -1.30 17.12 13.24
C GLN B 55 -2.53 16.33 13.67
N PRO B 56 -3.30 16.91 14.58
CA PRO B 56 -4.54 16.25 14.97
C PRO B 56 -5.46 16.09 13.76
N ASN B 57 -6.07 14.93 13.59
CA ASN B 57 -7.00 14.67 12.49
C ASN B 57 -6.35 14.48 11.09
N LYS B 58 -5.05 14.67 11.00
CA LYS B 58 -4.30 14.60 9.75
C LYS B 58 -4.07 13.13 9.44
N ARG B 59 -4.20 12.77 8.17
CA ARG B 59 -3.89 11.40 7.74
C ARG B 59 -2.39 11.38 7.37
N PRO B 60 -1.62 10.42 7.91
CA PRO B 60 -0.21 10.44 7.62
C PRO B 60 0.03 9.94 6.21
N LEU B 61 1.01 10.52 5.55
CA LEU B 61 1.35 10.19 4.18
C LEU B 61 1.51 8.70 3.93
N SER B 62 0.90 8.25 2.84
CA SER B 62 1.05 6.87 2.37
C SER B 62 1.95 6.76 1.15
N SER B 63 2.40 5.55 0.87
CA SER B 63 3.15 5.24 -0.33
C SER B 63 2.34 4.31 -1.20
N MET B 64 1.15 3.94 -0.73
CA MET B 64 0.28 3.05 -1.49
C MET B 64 -0.07 3.67 -2.85
N THR B 65 -0.03 2.85 -3.90
CA THR B 65 -0.12 3.37 -5.27
C THR B 65 -1.03 2.48 -6.15
N PRO B 66 -2.26 2.21 -5.68
CA PRO B 66 -3.19 1.46 -6.51
C PRO B 66 -3.43 2.25 -7.77
N THR B 67 -3.32 1.58 -8.91
CA THR B 67 -3.29 2.25 -10.19
C THR B 67 -4.10 1.50 -11.23
N ILE B 68 -4.71 2.24 -12.13
CA ILE B 68 -5.26 1.62 -13.33
C ILE B 68 -4.75 2.38 -14.54
N VAL B 69 -4.33 1.60 -15.55
CA VAL B 69 -3.81 2.11 -16.81
C VAL B 69 -4.93 1.95 -17.82
N PHE B 70 -5.08 2.96 -18.66
CA PHE B 70 -6.15 3.00 -19.67
C PHE B 70 -5.60 3.17 -21.08
N LYS B 71 -6.15 2.44 -22.01
CA LYS B 71 -5.86 2.64 -23.42
C LYS B 71 -7.12 3.21 -23.96
N ASP B 72 -7.08 4.46 -24.45
CA ASP B 72 -8.21 5.11 -25.12
C ASP B 72 -9.49 5.15 -24.30
N GLU B 73 -9.36 5.81 -23.16
CA GLU B 73 -10.49 6.04 -22.26
C GLU B 73 -11.07 4.73 -21.66
N LYS B 74 -10.43 3.58 -21.91
CA LYS B 74 -10.91 2.27 -21.42
C LYS B 74 -9.83 1.47 -20.69
N PRO B 75 -10.08 1.12 -19.41
CA PRO B 75 -9.04 0.49 -18.60
C PRO B 75 -8.46 -0.77 -19.21
N VAL B 76 -7.16 -0.92 -19.13
CA VAL B 76 -6.51 -2.13 -19.66
C VAL B 76 -5.66 -2.84 -18.63
N LEU B 77 -5.15 -2.13 -17.62
CA LEU B 77 -4.26 -2.79 -16.66
C LEU B 77 -4.39 -2.21 -15.26
N THR B 78 -4.18 -3.08 -14.28
CA THR B 78 -4.33 -2.78 -12.86
C THR B 78 -3.04 -3.15 -12.14
N VAL B 79 -2.52 -2.27 -11.29
CA VAL B 79 -1.19 -2.43 -10.72
C VAL B 79 -1.22 -1.86 -9.31
N GLY B 80 -0.47 -2.50 -8.43
CA GLY B 80 -0.40 -2.06 -7.06
C GLY B 80 0.49 -2.98 -6.28
N SER B 81 1.27 -2.44 -5.35
CA SER B 81 2.18 -3.25 -4.57
C SER B 81 2.02 -2.88 -3.10
N PRO B 82 2.66 -3.66 -2.21
CA PRO B 82 2.98 -3.22 -0.91
C PRO B 82 4.50 -3.16 -0.87
N GLY B 83 5.03 -2.94 0.30
CA GLY B 83 6.47 -2.76 0.45
C GLY B 83 6.90 -1.39 0.95
N GLY B 84 6.04 -0.77 1.75
CA GLY B 84 6.35 0.49 2.37
C GLY B 84 6.61 1.52 1.31
N THR B 85 7.67 2.30 1.51
CA THR B 85 8.01 3.38 0.60
C THR B 85 8.48 2.91 -0.77
N THR B 86 8.88 1.65 -0.89
CA THR B 86 9.29 1.07 -2.15
C THR B 86 8.12 0.83 -3.08
N ILE B 87 6.88 0.92 -2.59
CA ILE B 87 5.74 0.67 -3.49
C ILE B 87 5.86 1.51 -4.78
N ILE B 88 6.08 2.81 -4.64
CA ILE B 88 6.14 3.68 -5.84
C ILE B 88 7.03 3.04 -6.89
N ALA B 89 8.19 2.58 -6.42
CA ALA B 89 9.22 2.03 -7.28
C ALA B 89 8.77 0.76 -7.95
N SER B 90 8.12 -0.13 -7.19
CA SER B 90 7.60 -1.37 -7.74
C SER B 90 6.60 -1.16 -8.86
N VAL B 91 5.64 -0.29 -8.66
CA VAL B 91 4.60 -0.05 -9.66
C VAL B 91 5.21 0.54 -10.92
N PHE B 92 5.95 1.62 -10.73
CA PHE B 92 6.73 2.21 -11.83
C PHE B 92 7.57 1.22 -12.68
N GLN B 93 8.29 0.35 -12.00
CA GLN B 93 9.06 -0.66 -12.70
C GLN B 93 8.21 -1.71 -13.35
N THR B 94 7.13 -2.12 -12.74
CA THR B 94 6.25 -3.03 -13.44
C THR B 94 5.78 -2.38 -14.76
N ILE B 95 5.23 -1.20 -14.62
CA ILE B 95 4.72 -0.45 -15.76
C ILE B 95 5.76 -0.33 -16.88
N LEU B 96 6.96 0.13 -16.57
CA LEU B 96 8.06 0.01 -17.53
C LEU B 96 8.15 -1.34 -18.26
N ASN B 97 8.34 -2.40 -17.49
CA ASN B 97 8.52 -3.73 -18.05
C ASN B 97 7.35 -4.08 -18.98
N TYR B 98 6.15 -3.70 -18.60
CA TYR B 98 5.01 -4.06 -19.43
C TYR B 98 4.91 -3.21 -20.73
N PHE B 99 4.99 -1.89 -20.60
CA PHE B 99 4.78 -1.02 -21.80
C PHE B 99 6.07 -0.61 -22.53
N GLU B 100 7.12 -0.18 -21.78
CA GLU B 100 8.38 0.20 -22.46
C GLU B 100 9.16 -1.00 -22.98
N TYR B 101 9.28 -2.08 -22.22
CA TYR B 101 9.98 -3.27 -22.74
C TYR B 101 8.99 -4.22 -23.39
N GLY B 102 7.69 -3.99 -23.23
CA GLY B 102 6.70 -4.82 -23.92
C GLY B 102 6.78 -6.27 -23.47
N MET B 103 7.14 -6.44 -22.21
CA MET B 103 7.29 -7.77 -21.66
C MET B 103 5.93 -8.37 -21.39
N SER B 104 5.89 -9.68 -21.39
CA SER B 104 4.74 -10.40 -20.93
C SER B 104 4.40 -9.85 -19.56
N LEU B 105 3.12 -9.87 -19.17
CA LEU B 105 2.75 -9.26 -17.88
C LEU B 105 3.41 -9.94 -16.68
N GLN B 106 3.42 -11.27 -16.66
CA GLN B 106 4.06 -11.93 -15.55
C GLN B 106 5.54 -11.63 -15.55
N ASP B 107 6.12 -11.65 -16.73
CA ASP B 107 7.54 -11.36 -16.83
C ASP B 107 7.85 -9.95 -16.28
N ALA B 108 6.98 -8.99 -16.58
CA ALA B 108 7.08 -7.64 -16.05
C ALA B 108 7.20 -7.63 -14.52
N ILE B 109 6.31 -8.37 -13.86
CA ILE B 109 6.28 -8.45 -12.40
C ILE B 109 7.52 -9.13 -11.83
N GLU B 110 7.88 -10.28 -12.41
CA GLU B 110 8.95 -11.11 -11.90
C GLU B 110 10.36 -10.58 -12.17
N GLU B 111 10.51 -9.66 -13.11
CA GLU B 111 11.76 -8.97 -13.41
C GLU B 111 12.28 -8.26 -12.16
N PRO B 112 13.51 -8.59 -11.73
CA PRO B 112 14.15 -7.97 -10.58
C PRO B 112 13.93 -6.46 -10.49
N ARG B 113 13.59 -6.03 -9.29
CA ARG B 113 13.47 -4.62 -8.99
C ARG B 113 14.70 -4.07 -8.25
N ILE B 114 14.86 -2.76 -8.34
CA ILE B 114 15.69 -2.06 -7.40
C ILE B 114 14.84 -1.01 -6.77
N TYR B 115 15.28 -0.57 -5.57
CA TYR B 115 14.73 0.60 -4.90
C TYR B 115 15.87 1.37 -4.24
N THR B 116 15.81 2.70 -4.34
CA THR B 116 16.74 3.53 -3.61
C THR B 116 16.23 4.95 -3.51
N ASN B 117 16.11 5.40 -2.28
CA ASN B 117 15.46 6.66 -1.94
C ASN B 117 16.43 7.73 -1.48
N SER B 118 17.71 7.41 -1.35
CA SER B 118 18.76 8.41 -1.15
C SER B 118 20.09 7.75 -1.53
N LEU B 119 21.18 8.52 -1.42
CA LEU B 119 22.52 7.96 -1.63
C LEU B 119 22.90 6.95 -0.54
N THR B 120 22.11 6.83 0.53
CA THR B 120 22.37 5.90 1.62
C THR B 120 21.49 4.66 1.67
N SER B 121 20.52 4.53 0.77
CA SER B 121 19.54 3.46 0.86
C SER B 121 19.38 2.82 -0.52
N TYR B 122 19.93 1.62 -0.65
CA TYR B 122 19.73 0.77 -1.81
C TYR B 122 19.23 -0.61 -1.46
N ARG B 123 18.30 -1.11 -2.28
CA ARG B 123 17.86 -2.49 -2.18
C ARG B 123 17.69 -3.07 -3.57
N TYR B 124 17.86 -4.37 -3.68
CA TYR B 124 17.68 -5.02 -4.97
C TYR B 124 17.13 -6.42 -4.83
N GLU B 125 16.39 -6.88 -5.84
CA GLU B 125 15.90 -8.28 -5.87
C GLU B 125 17.00 -9.15 -6.50
N SER B 126 17.17 -10.38 -5.98
CA SER B 126 18.05 -11.39 -6.57
C SER B 126 17.78 -11.50 -8.05
N GLY B 127 18.82 -11.47 -8.85
CA GLY B 127 18.62 -11.49 -10.28
C GLY B 127 19.52 -10.47 -10.93
N MET B 128 19.75 -9.37 -10.24
CA MET B 128 20.70 -8.41 -10.80
C MET B 128 22.03 -9.15 -10.81
N PRO B 129 22.62 -9.31 -11.99
CA PRO B 129 23.93 -9.92 -12.09
C PRO B 129 25.05 -9.23 -11.30
N GLU B 130 25.96 -10.03 -10.77
CA GLU B 130 27.05 -9.54 -9.94
C GLU B 130 27.93 -8.57 -10.70
N ASP B 131 28.36 -8.93 -11.91
CA ASP B 131 29.23 -8.08 -12.68
C ASP B 131 28.56 -6.72 -12.74
N VAL B 132 27.24 -6.73 -12.89
CA VAL B 132 26.49 -5.49 -13.01
C VAL B 132 26.43 -4.72 -11.70
N ARG B 133 26.19 -5.41 -10.59
CA ARG B 133 26.12 -4.78 -9.26
C ARG B 133 27.47 -4.15 -8.95
N ARG B 134 28.53 -4.88 -9.27
CA ARG B 134 29.91 -4.44 -9.03
C ARG B 134 30.20 -3.16 -9.82
N LYS B 135 29.76 -3.12 -11.07
CA LYS B 135 30.03 -2.01 -11.94
C LYS B 135 29.22 -0.78 -11.48
N LEU B 136 27.98 -1.03 -11.02
CA LEU B 136 27.17 0.05 -10.45
C LEU B 136 27.78 0.67 -9.18
N ASN B 137 28.21 -0.18 -8.27
CA ASN B 137 28.86 0.28 -7.06
C ASN B 137 30.19 0.98 -7.27
N ASP B 138 30.97 0.56 -8.26
CA ASP B 138 32.15 1.33 -8.68
C ASP B 138 31.78 2.76 -9.05
N PHE B 139 30.66 2.86 -9.76
CA PHE B 139 30.18 4.15 -10.26
C PHE B 139 29.66 5.08 -9.14
N GLY B 140 29.42 4.51 -7.97
CA GLY B 140 29.05 5.32 -6.81
C GLY B 140 27.81 4.86 -6.09
N HIS B 141 27.24 3.72 -6.46
CA HIS B 141 26.08 3.18 -5.76
C HIS B 141 26.47 2.28 -4.59
N LYS B 142 25.46 1.94 -3.79
CA LYS B 142 25.61 1.16 -2.56
C LYS B 142 24.61 -0.01 -2.50
N PHE B 143 24.64 -0.87 -3.51
CA PHE B 143 23.81 -2.04 -3.49
C PHE B 143 24.44 -3.04 -2.54
N GLY B 144 23.67 -3.38 -1.50
CA GLY B 144 24.10 -4.37 -0.49
C GLY B 144 24.70 -5.63 -1.05
N SER B 145 25.45 -6.33 -0.21
CA SER B 145 26.16 -7.55 -0.61
C SER B 145 25.24 -8.77 -0.85
N ASN B 146 24.01 -8.66 -0.32
CA ASN B 146 22.93 -9.61 -0.56
C ASN B 146 21.53 -8.98 -0.81
N PRO B 147 20.71 -9.63 -1.67
CA PRO B 147 19.48 -9.02 -2.18
C PRO B 147 18.28 -9.22 -1.27
N VAL B 148 17.19 -8.54 -1.57
CA VAL B 148 15.94 -8.70 -0.82
C VAL B 148 14.75 -8.66 -1.77
N ASP B 149 13.72 -9.44 -1.45
CA ASP B 149 12.51 -9.42 -2.25
C ASP B 149 11.79 -8.08 -2.08
N ILE B 150 11.60 -7.37 -3.19
CA ILE B 150 10.92 -6.09 -3.16
C ILE B 150 9.49 -6.24 -3.66
N GLY B 151 8.54 -5.74 -2.88
CA GLY B 151 7.14 -5.70 -3.26
C GLY B 151 6.34 -6.99 -3.38
N ASN B 152 5.14 -6.84 -3.92
CA ASN B 152 4.28 -7.96 -4.22
C ASN B 152 3.23 -7.42 -5.16
N VAL B 153 3.54 -7.39 -6.45
CA VAL B 153 2.55 -6.89 -7.38
C VAL B 153 1.51 -7.95 -7.74
N GLN B 154 0.22 -7.65 -7.57
CA GLN B 154 -0.83 -8.33 -8.26
C GLN B 154 -1.36 -7.37 -9.28
N SER B 155 -1.67 -7.90 -10.46
CA SER B 155 -2.15 -7.08 -11.53
C SER B 155 -3.07 -7.88 -12.47
N ILE B 156 -4.04 -7.17 -13.04
CA ILE B 156 -4.99 -7.75 -13.96
C ILE B 156 -4.97 -6.91 -15.21
N PHE B 157 -4.72 -7.60 -16.32
CA PHE B 157 -4.74 -7.04 -17.66
C PHE B 157 -6.09 -7.40 -18.27
N ILE B 158 -6.71 -6.44 -18.95
CA ILE B 158 -8.00 -6.59 -19.60
C ILE B 158 -7.84 -6.64 -21.12
N ASP B 159 -8.13 -7.82 -21.67
CA ASP B 159 -7.78 -8.14 -23.04
C ASP B 159 -9.01 -7.97 -23.91
N ARG B 160 -9.19 -6.81 -24.52
CA ARG B 160 -10.37 -6.61 -25.38
C ARG B 160 -10.31 -7.61 -26.53
N GLU B 161 -9.20 -7.56 -27.28
CA GLU B 161 -9.08 -8.28 -28.56
C GLU B 161 -9.37 -9.75 -28.45
N ASN B 162 -9.05 -10.37 -27.32
CA ASN B 162 -9.47 -11.73 -27.05
C ASN B 162 -10.60 -11.85 -26.03
N LYS B 163 -11.19 -10.72 -25.65
CA LYS B 163 -12.31 -10.71 -24.71
C LYS B 163 -12.09 -11.60 -23.48
N THR B 164 -11.03 -11.32 -22.74
CA THR B 164 -10.72 -12.08 -21.53
C THR B 164 -10.06 -11.15 -20.53
N PHE B 165 -9.81 -11.64 -19.32
CA PHE B 165 -8.88 -10.99 -18.42
C PHE B 165 -7.72 -11.96 -18.11
N MET B 166 -6.53 -11.38 -17.94
CA MET B 166 -5.38 -12.10 -17.39
C MET B 166 -5.16 -11.52 -16.03
N GLY B 167 -4.86 -12.38 -15.07
CA GLY B 167 -4.55 -11.95 -13.71
C GLY B 167 -3.26 -12.62 -13.31
N VAL B 168 -2.44 -11.93 -12.51
CA VAL B 168 -1.16 -12.49 -12.08
C VAL B 168 -0.82 -12.04 -10.67
N ALA B 169 -0.17 -12.91 -9.92
CA ALA B 169 0.23 -12.63 -8.53
C ALA B 169 1.73 -12.73 -8.43
N ASP B 170 2.37 -11.74 -7.82
CA ASP B 170 3.84 -11.79 -7.64
C ASP B 170 4.22 -12.99 -6.74
N SER B 171 5.24 -13.73 -7.16
CA SER B 171 5.75 -14.86 -6.40
C SER B 171 6.37 -14.49 -5.06
N SER B 172 6.58 -13.22 -4.79
CA SER B 172 7.18 -12.77 -3.53
C SER B 172 6.42 -13.24 -2.28
N ARG B 173 5.12 -13.37 -2.46
CA ARG B 173 4.23 -13.93 -1.46
C ARG B 173 3.62 -15.16 -2.10
N ASN B 174 2.69 -15.82 -1.42
CA ASN B 174 1.92 -16.92 -2.01
C ASN B 174 0.63 -16.41 -2.63
N GLY B 175 0.74 -15.36 -3.42
CA GLY B 175 -0.46 -14.78 -4.04
C GLY B 175 -1.03 -15.71 -5.06
N THR B 176 -2.28 -15.49 -5.42
CA THR B 176 -2.90 -16.33 -6.42
C THR B 176 -3.90 -15.55 -7.25
N ALA B 177 -3.97 -15.91 -8.53
CA ALA B 177 -4.95 -15.37 -9.48
C ALA B 177 -5.95 -16.46 -9.97
N VAL B 178 -7.25 -16.14 -9.96
CA VAL B 178 -8.24 -17.09 -10.42
C VAL B 178 -9.39 -16.40 -11.19
N GLY B 179 -9.56 -16.82 -12.44
CA GLY B 179 -10.57 -16.27 -13.31
C GLY B 179 -11.92 -16.91 -13.06
N VAL B 180 -12.93 -16.32 -13.68
CA VAL B 180 -14.32 -16.75 -13.51
C VAL B 180 -15.01 -16.83 -14.87
N ASN B 181 -15.63 -17.98 -15.14
CA ASN B 181 -16.28 -18.25 -16.42
C ASN B 181 -17.71 -18.79 -16.24
N ILE B 182 -18.68 -18.05 -16.83
CA ILE B 182 -20.16 -18.26 -16.72
C ILE B 182 -20.84 -17.39 -15.63
MG MG C . 9.56 -10.70 -7.23
N GLU D . 3.29 2.87 5.53
CA GLU D . 3.15 2.35 4.15
C GLU D . 2.32 3.28 3.33
O GLU D . 1.16 3.50 3.61
CB GLU D . 2.45 1.01 4.18
CG GLU D . 3.01 0.07 5.21
CD GLU D . 4.00 -0.89 4.62
OE1 GLU D . 3.89 -1.13 3.39
OE2 GLU D . 4.86 -1.40 5.36
OXT GLU D . 2.81 3.84 2.37
#